data_4BKO
#
_entry.id   4BKO
#
_cell.length_a   48.640
_cell.length_b   93.320
_cell.length_c   100.860
_cell.angle_alpha   90.00
_cell.angle_beta   90.00
_cell.angle_gamma   90.00
#
_symmetry.space_group_name_H-M   'P 21 21 21'
#
loop_
_entity.id
_entity.type
_entity.pdbx_description
1 polymer 'PUTATIVE REDUCTASE BURPS305_1051'
2 non-polymer GLYCEROL
3 non-polymer '2-(N-MORPHOLINO)-ETHANESULFONIC ACID'
4 non-polymer 'SULFATE ION'
5 water water
#
_entity_poly.entity_id   1
_entity_poly.type   'polypeptide(L)'
_entity_poly.pdbx_seq_one_letter_code
;MGSSHHHHHHSSGLVPRGSHMIIKPRVRGFICVTTHPAGCAASVREQIAYVARRGPIERGPKKVLVIGASTGYGLAARIA
AAFGAGAATLGVFFERAPADAKPGTAGWYNSAAFHDEAAARGLQATSVNGDAFSDEIKHKTIDAIRRDLGQVDLVVYSVA
APRRTHPKTGVTHQSTLKPIGHAVRLRGIDTDNEAIKETLLQPATPDEIADTVAVMGGEDWRMWIDALDAAGVLADGAKT
TAFTYLGEQVTHDIYWNGSIGEAKKDLDRTVLALRGKLAARGGDARVSVLKAVVTQASSAIPMMPLYLSLLFKVMKARGT
HEGCIEQVDGLLRDSLYGAQPHVDAEGRLRADRLELDPAVQARVLELWDQVTDDNLYTLTDFAGYKAEFLRLFGFGIDGV
DYDAPVEPNVRIPNLIE
;
_entity_poly.pdbx_strand_id   A
#
# COMPACT_ATOMS: atom_id res chain seq x y z
N LEU A 14 -13.42 -27.67 7.81
CA LEU A 14 -13.22 -28.87 8.63
C LEU A 14 -14.24 -29.95 8.28
N VAL A 15 -15.52 -29.61 8.30
CA VAL A 15 -16.56 -30.51 7.79
C VAL A 15 -16.16 -30.85 6.36
N PRO A 16 -16.22 -32.14 5.99
CA PRO A 16 -15.79 -32.47 4.62
C PRO A 16 -16.85 -32.01 3.63
N ARG A 17 -16.73 -30.78 3.15
CA ARG A 17 -17.68 -30.21 2.21
C ARG A 17 -17.06 -30.06 0.82
N GLY A 18 -17.81 -30.41 -0.21
CA GLY A 18 -17.39 -30.15 -1.57
C GLY A 18 -17.26 -28.66 -1.86
N SER A 19 -17.91 -27.82 -1.05
CA SER A 19 -17.80 -26.37 -1.26
C SER A 19 -16.40 -25.85 -0.92
N HIS A 20 -15.65 -26.61 -0.11
CA HIS A 20 -14.25 -26.25 0.16
C HIS A 20 -13.38 -26.61 -1.05
N MET A 21 -12.38 -25.78 -1.31
CA MET A 21 -11.55 -25.91 -2.50
C MET A 21 -10.10 -26.12 -2.11
N ILE A 22 -9.37 -26.88 -2.91
CA ILE A 22 -7.93 -26.91 -2.80
C ILE A 22 -7.42 -25.88 -3.80
N ILE A 23 -6.75 -24.85 -3.29
CA ILE A 23 -6.35 -23.72 -4.11
C ILE A 23 -4.83 -23.62 -4.17
N LYS A 24 -4.27 -23.69 -5.36
CA LYS A 24 -2.82 -23.58 -5.54
C LYS A 24 -2.48 -22.29 -6.29
N PRO A 25 -1.26 -21.75 -6.11
CA PRO A 25 -0.95 -20.50 -6.81
C PRO A 25 -0.94 -20.68 -8.32
N ARG A 26 -1.46 -19.69 -9.03
CA ARG A 26 -1.48 -19.73 -10.49
C ARG A 26 -1.10 -18.35 -11.03
N VAL A 27 0.14 -18.21 -11.48
CA VAL A 27 0.59 -16.92 -12.00
C VAL A 27 0.56 -16.95 -13.52
N ARG A 28 -0.23 -16.07 -14.10
CA ARG A 28 -0.37 -16.00 -15.54
C ARG A 28 0.03 -14.60 -16.00
N GLY A 29 1.11 -14.53 -16.76
CA GLY A 29 1.68 -13.26 -17.13
C GLY A 29 2.29 -12.59 -15.91
N PHE A 30 1.73 -11.46 -15.51
CA PHE A 30 2.26 -10.66 -14.42
C PHE A 30 1.36 -10.67 -13.19
N ILE A 31 0.28 -11.43 -13.25
CA ILE A 31 -0.68 -11.42 -12.14
C ILE A 31 -0.96 -12.81 -11.58
N CYS A 32 -1.29 -12.87 -10.29
CA CYS A 32 -1.70 -14.13 -9.68
C CYS A 32 -3.22 -14.18 -9.70
N VAL A 33 -3.76 -15.17 -10.41
CA VAL A 33 -5.20 -15.24 -10.66
C VAL A 33 -5.95 -16.03 -9.60
N THR A 34 -5.21 -16.67 -8.69
CA THR A 34 -5.83 -17.33 -7.56
C THR A 34 -5.52 -16.66 -6.23
N THR A 35 -6.31 -16.97 -5.22
CA THR A 35 -6.14 -16.37 -3.90
C THR A 35 -6.44 -17.40 -2.82
N HIS A 36 -5.58 -17.48 -1.81
CA HIS A 36 -5.83 -18.44 -0.73
C HIS A 36 -6.38 -17.79 0.52
N PRO A 37 -7.67 -18.04 0.83
CA PRO A 37 -8.30 -17.35 1.97
C PRO A 37 -7.59 -17.59 3.30
N ALA A 38 -7.13 -18.80 3.56
CA ALA A 38 -6.50 -19.12 4.85
C ALA A 38 -5.14 -18.45 4.97
N GLY A 39 -4.41 -18.40 3.87
CA GLY A 39 -3.13 -17.73 3.83
C GLY A 39 -3.27 -16.25 4.08
N CYS A 40 -4.27 -15.62 3.48
CA CYS A 40 -4.50 -14.20 3.71
C CYS A 40 -4.75 -13.94 5.21
N ALA A 41 -5.60 -14.77 5.82
CA ALA A 41 -5.91 -14.59 7.22
C ALA A 41 -4.70 -14.82 8.11
N ALA A 42 -3.88 -15.82 7.77
CA ALA A 42 -2.67 -16.06 8.54
C ALA A 42 -1.68 -14.90 8.41
N SER A 43 -1.62 -14.30 7.23
CA SER A 43 -0.75 -13.14 7.04
C SER A 43 -1.19 -11.98 7.91
N VAL A 44 -2.51 -11.75 7.97
CA VAL A 44 -3.02 -10.67 8.80
C VAL A 44 -2.67 -10.93 10.27
N ARG A 45 -2.80 -12.18 10.69
CA ARG A 45 -2.41 -12.55 12.04
C ARG A 45 -0.93 -12.32 12.34
N GLU A 46 -0.05 -12.62 11.37
CA GLU A 46 1.38 -12.36 11.59
C GLU A 46 1.66 -10.86 11.76
N GLN A 47 0.96 -10.03 11.00
CA GLN A 47 1.16 -8.59 11.09
C GLN A 47 0.66 -8.07 12.45
N ILE A 48 -0.50 -8.54 12.88
CA ILE A 48 -0.99 -8.24 14.22
C ILE A 48 0.03 -8.67 15.27
N ALA A 49 0.59 -9.85 15.11
CA ALA A 49 1.57 -10.36 16.06
C ALA A 49 2.82 -9.49 16.08
N TYR A 50 3.21 -8.96 14.93
CA TYR A 50 4.41 -8.13 14.88
C TYR A 50 4.19 -6.87 15.70
N VAL A 51 3.04 -6.24 15.51
CA VAL A 51 2.75 -5.01 16.22
C VAL A 51 2.71 -5.24 17.73
N ALA A 52 2.22 -6.40 18.13
CA ALA A 52 2.23 -6.80 19.55
C ALA A 52 3.65 -6.96 20.12
N ARG A 53 4.64 -7.17 19.26
CA ARG A 53 6.02 -7.33 19.71
C ARG A 53 6.54 -6.11 20.48
N ARG A 54 6.23 -4.91 19.98
CA ARG A 54 6.62 -3.68 20.68
C ARG A 54 5.51 -3.18 21.59
N GLY A 55 4.47 -3.98 21.71
CA GLY A 55 3.37 -3.69 22.62
C GLY A 55 2.51 -2.53 22.14
N PRO A 56 1.80 -1.90 23.07
CA PRO A 56 0.84 -0.84 22.74
C PRO A 56 1.55 0.38 22.16
N ILE A 57 0.83 1.15 21.36
CA ILE A 57 1.29 2.45 20.91
C ILE A 57 0.55 3.49 21.73
N GLU A 58 1.21 4.03 22.75
CA GLU A 58 0.57 5.00 23.62
C GLU A 58 0.49 6.37 22.94
N ARG A 59 -0.49 7.15 23.37
CA ARG A 59 -0.71 8.50 22.84
C ARG A 59 -0.91 8.49 21.32
N GLY A 60 -1.47 7.40 20.81
CA GLY A 60 -1.76 7.30 19.40
C GLY A 60 -3.17 7.75 19.07
N PRO A 61 -3.58 7.55 17.82
CA PRO A 61 -4.91 7.93 17.35
C PRO A 61 -5.97 6.98 17.90
N LYS A 62 -7.21 7.43 17.99
CA LYS A 62 -8.28 6.60 18.53
C LYS A 62 -9.38 6.30 17.51
N LYS A 63 -9.45 7.10 16.46
CA LYS A 63 -10.54 6.98 15.50
C LYS A 63 -10.00 7.28 14.11
N VAL A 64 -9.71 6.21 13.38
CA VAL A 64 -8.87 6.27 12.20
C VAL A 64 -9.59 5.87 10.93
N LEU A 65 -9.47 6.72 9.92
CA LEU A 65 -9.93 6.42 8.56
C LEU A 65 -8.73 6.04 7.71
N VAL A 66 -8.75 4.85 7.10
CA VAL A 66 -7.72 4.46 6.13
C VAL A 66 -8.33 4.33 4.75
N ILE A 67 -7.88 5.17 3.84
CA ILE A 67 -8.37 5.10 2.46
C ILE A 67 -7.39 4.25 1.67
N GLY A 68 -7.87 3.08 1.21
CA GLY A 68 -7.01 2.06 0.61
C GLY A 68 -6.51 1.08 1.66
N ALA A 69 -7.44 0.43 2.36
CA ALA A 69 -7.14 -0.24 3.63
C ALA A 69 -6.99 -1.75 3.54
N SER A 70 -7.07 -2.32 2.35
CA SER A 70 -7.20 -3.77 2.23
C SER A 70 -5.92 -4.55 1.94
N THR A 71 -4.89 -3.86 1.44
CA THR A 71 -3.66 -4.53 1.04
C THR A 71 -2.47 -3.63 1.34
N GLY A 72 -1.28 -4.22 1.36
CA GLY A 72 -0.02 -3.50 1.43
C GLY A 72 0.10 -2.53 2.59
N TYR A 73 0.55 -1.32 2.29
CA TYR A 73 0.82 -0.36 3.33
C TYR A 73 -0.45 0.14 4.02
N GLY A 74 -1.54 0.22 3.27
CA GLY A 74 -2.80 0.65 3.83
C GLY A 74 -3.36 -0.32 4.85
N LEU A 75 -3.29 -1.62 4.52
CA LEU A 75 -3.66 -2.65 5.47
C LEU A 75 -2.76 -2.62 6.71
N ALA A 76 -1.45 -2.46 6.50
CA ALA A 76 -0.52 -2.36 7.62
C ALA A 76 -0.86 -1.17 8.53
N ALA A 77 -1.24 -0.05 7.91
CA ALA A 77 -1.64 1.12 8.69
C ALA A 77 -2.89 0.81 9.50
N ARG A 78 -3.85 0.12 8.90
CA ARG A 78 -5.06 -0.21 9.62
C ARG A 78 -4.74 -1.12 10.81
N ILE A 79 -3.89 -2.10 10.56
CA ILE A 79 -3.46 -3.03 11.60
C ILE A 79 -2.68 -2.37 12.73
N ALA A 80 -1.66 -1.58 12.38
CA ALA A 80 -0.91 -0.86 13.42
C ALA A 80 -1.80 0.08 14.23
N ALA A 81 -2.70 0.78 13.57
CA ALA A 81 -3.57 1.73 14.28
C ALA A 81 -4.52 1.00 15.23
N ALA A 82 -5.18 -0.04 14.71
CA ALA A 82 -6.11 -0.80 15.53
C ALA A 82 -5.41 -1.62 16.62
N PHE A 83 -4.52 -2.52 16.22
CA PHE A 83 -3.96 -3.45 17.20
C PHE A 83 -2.78 -2.88 17.98
N GLY A 84 -2.20 -1.81 17.45
CA GLY A 84 -1.12 -1.13 18.15
C GLY A 84 -1.63 -0.02 19.04
N ALA A 85 -2.37 0.93 18.46
CA ALA A 85 -2.88 2.08 19.22
C ALA A 85 -4.23 1.86 19.89
N GLY A 86 -4.92 0.78 19.55
CA GLY A 86 -6.22 0.52 20.15
C GLY A 86 -7.35 1.29 19.48
N ALA A 87 -7.12 1.73 18.25
CA ALA A 87 -8.06 2.60 17.56
C ALA A 87 -9.22 1.86 16.90
N ALA A 88 -10.40 2.48 16.95
CA ALA A 88 -11.49 2.07 16.08
C ALA A 88 -11.07 2.47 14.67
N THR A 89 -11.45 1.66 13.68
CA THR A 89 -11.05 1.95 12.31
C THR A 89 -12.19 1.88 11.31
N LEU A 90 -12.11 2.75 10.31
CA LEU A 90 -12.98 2.70 9.15
C LEU A 90 -12.06 2.56 7.95
N GLY A 91 -12.18 1.45 7.22
CA GLY A 91 -11.34 1.24 6.04
C GLY A 91 -12.13 1.36 4.75
N VAL A 92 -11.54 2.01 3.76
CA VAL A 92 -12.17 2.11 2.44
C VAL A 92 -11.29 1.34 1.49
N PHE A 93 -11.90 0.46 0.71
CA PHE A 93 -11.15 -0.29 -0.28
C PHE A 93 -12.03 -0.64 -1.47
N PHE A 94 -11.43 -1.32 -2.44
CA PHE A 94 -12.10 -1.67 -3.68
C PHE A 94 -11.70 -3.11 -4.00
N GLU A 95 -12.55 -4.06 -3.62
CA GLU A 95 -12.19 -5.48 -3.74
C GLU A 95 -13.36 -6.29 -4.28
N ARG A 96 -13.08 -7.49 -4.80
CA ARG A 96 -14.14 -8.34 -5.32
C ARG A 96 -14.60 -9.33 -4.26
N ALA A 97 -15.90 -9.34 -4.01
CA ALA A 97 -16.46 -10.30 -3.07
C ALA A 97 -16.44 -11.70 -3.68
N PRO A 98 -16.29 -12.71 -2.82
CA PRO A 98 -16.45 -14.09 -3.27
C PRO A 98 -17.84 -14.26 -3.88
N ALA A 99 -17.93 -14.95 -5.02
CA ALA A 99 -19.21 -15.12 -5.71
C ALA A 99 -19.24 -16.44 -6.46
N ASP A 100 -20.43 -16.98 -6.66
CA ASP A 100 -20.64 -18.29 -7.31
C ASP A 100 -19.41 -19.19 -7.36
N ALA A 101 -18.96 -19.57 -6.16
CA ALA A 101 -17.76 -20.38 -5.93
C ALA A 101 -16.47 -19.90 -6.64
N LYS A 102 -16.44 -18.62 -6.99
CA LYS A 102 -15.22 -17.99 -7.48
C LYS A 102 -14.73 -17.06 -6.39
N PRO A 103 -13.59 -17.40 -5.77
CA PRO A 103 -13.09 -16.69 -4.60
C PRO A 103 -12.91 -15.20 -4.85
N GLY A 104 -12.93 -14.43 -3.77
CA GLY A 104 -12.68 -13.01 -3.86
C GLY A 104 -11.22 -12.69 -4.09
N THR A 105 -10.91 -11.39 -4.10
CA THR A 105 -9.54 -10.93 -4.18
C THR A 105 -8.86 -11.02 -2.83
N ALA A 106 -7.52 -11.00 -2.83
CA ALA A 106 -6.76 -11.05 -1.59
C ALA A 106 -7.20 -9.99 -0.58
N GLY A 107 -7.41 -8.76 -1.04
CA GLY A 107 -7.80 -7.67 -0.18
C GLY A 107 -9.13 -7.92 0.53
N TRP A 108 -10.00 -8.66 -0.14
CA TRP A 108 -11.23 -9.06 0.50
C TRP A 108 -10.95 -9.94 1.71
N TYR A 109 -10.17 -11.00 1.50
CA TYR A 109 -9.88 -11.92 2.60
C TYR A 109 -9.03 -11.28 3.67
N ASN A 110 -8.13 -10.37 3.28
CA ASN A 110 -7.38 -9.62 4.28
C ASN A 110 -8.31 -8.83 5.19
N SER A 111 -9.29 -8.17 4.59
CA SER A 111 -10.18 -7.29 5.35
C SER A 111 -11.15 -8.10 6.21
N ALA A 112 -11.56 -9.25 5.70
CA ALA A 112 -12.44 -10.13 6.47
C ALA A 112 -11.69 -10.63 7.71
N ALA A 113 -10.42 -10.99 7.51
CA ALA A 113 -9.60 -11.44 8.63
C ALA A 113 -9.35 -10.30 9.61
N PHE A 114 -9.06 -9.10 9.10
CA PHE A 114 -8.96 -7.92 9.98
C PHE A 114 -10.22 -7.81 10.83
N HIS A 115 -11.38 -7.87 10.19
CA HIS A 115 -12.63 -7.75 10.92
C HIS A 115 -12.79 -8.82 12.01
N ASP A 116 -12.43 -10.06 11.68
CA ASP A 116 -12.56 -11.16 12.64
C ASP A 116 -11.67 -10.96 13.86
N GLU A 117 -10.43 -10.54 13.64
CA GLU A 117 -9.48 -10.35 14.72
C GLU A 117 -9.85 -9.14 15.57
N ALA A 118 -10.33 -8.11 14.90
CA ALA A 118 -10.72 -6.87 15.57
C ALA A 118 -11.95 -7.13 16.44
N ALA A 119 -12.92 -7.84 15.89
CA ALA A 119 -14.14 -8.13 16.63
C ALA A 119 -13.83 -8.93 17.90
N ALA A 120 -12.90 -9.88 17.80
CA ALA A 120 -12.53 -10.72 18.95
C ALA A 120 -11.87 -9.92 20.09
N ARG A 121 -11.17 -8.85 19.72
CA ARG A 121 -10.43 -8.04 20.69
C ARG A 121 -11.25 -6.91 21.27
N GLY A 122 -12.30 -6.51 20.55
CA GLY A 122 -13.13 -5.40 21.01
C GLY A 122 -12.78 -4.10 20.31
N LEU A 123 -12.12 -4.20 19.17
CA LEU A 123 -11.80 -3.01 18.39
C LEU A 123 -12.87 -2.79 17.32
N GLN A 124 -13.57 -1.68 17.41
CA GLN A 124 -14.64 -1.35 16.46
CA GLN A 124 -14.63 -1.37 16.46
C GLN A 124 -14.07 -1.19 15.05
N ALA A 125 -14.74 -1.81 14.08
CA ALA A 125 -14.28 -1.77 12.69
C ALA A 125 -15.43 -1.74 11.70
N THR A 126 -15.35 -0.81 10.76
CA THR A 126 -16.34 -0.65 9.71
C THR A 126 -15.59 -0.54 8.39
N SER A 127 -16.15 -1.13 7.33
CA SER A 127 -15.52 -1.03 6.02
C SER A 127 -16.50 -0.62 4.92
N VAL A 128 -15.94 0.06 3.93
CA VAL A 128 -16.68 0.54 2.79
C VAL A 128 -15.95 0.01 1.56
N ASN A 129 -16.69 -0.67 0.70
CA ASN A 129 -16.12 -1.25 -0.50
C ASN A 129 -16.66 -0.50 -1.71
N GLY A 130 -15.81 0.33 -2.35
CA GLY A 130 -16.24 1.07 -3.53
C GLY A 130 -15.14 1.97 -4.03
N ASP A 131 -15.42 2.72 -5.09
CA ASP A 131 -14.41 3.61 -5.67
C ASP A 131 -14.18 4.82 -4.78
N ALA A 132 -13.02 4.87 -4.13
CA ALA A 132 -12.69 5.98 -3.24
C ALA A 132 -12.58 7.31 -3.97
N PHE A 133 -12.44 7.28 -5.29
CA PHE A 133 -12.37 8.50 -6.06
C PHE A 133 -13.74 9.15 -6.25
N SER A 134 -14.80 8.41 -5.95
CA SER A 134 -16.16 8.89 -6.25
C SER A 134 -16.78 9.65 -5.09
N ASP A 135 -17.67 10.59 -5.43
CA ASP A 135 -18.38 11.38 -4.44
C ASP A 135 -19.32 10.51 -3.60
N GLU A 136 -19.96 9.54 -4.25
CA GLU A 136 -20.88 8.64 -3.57
C GLU A 136 -20.21 7.90 -2.42
N ILE A 137 -18.98 7.43 -2.64
CA ILE A 137 -18.24 6.71 -1.62
C ILE A 137 -17.79 7.66 -0.50
N LYS A 138 -17.42 8.89 -0.86
CA LYS A 138 -17.08 9.88 0.15
C LYS A 138 -18.31 10.12 1.04
N HIS A 139 -19.46 10.28 0.41
CA HIS A 139 -20.72 10.48 1.14
C HIS A 139 -21.04 9.32 2.08
N LYS A 140 -20.92 8.09 1.58
CA LYS A 140 -21.22 6.92 2.40
C LYS A 140 -20.24 6.75 3.53
N THR A 141 -18.98 7.14 3.30
CA THR A 141 -17.94 7.05 4.32
C THR A 141 -18.18 8.09 5.41
N ILE A 142 -18.57 9.28 4.97
CA ILE A 142 -18.96 10.34 5.92
C ILE A 142 -20.13 9.89 6.80
N ASP A 143 -21.16 9.31 6.20
CA ASP A 143 -22.31 8.84 6.97
C ASP A 143 -21.91 7.76 7.98
N ALA A 144 -20.98 6.90 7.57
CA ALA A 144 -20.51 5.83 8.46
C ALA A 144 -19.72 6.40 9.63
N ILE A 145 -18.94 7.45 9.38
CA ILE A 145 -18.18 8.07 10.46
C ILE A 145 -19.15 8.70 11.46
N ARG A 146 -20.13 9.42 10.93
CA ARG A 146 -21.13 10.06 11.78
C ARG A 146 -21.83 9.04 12.64
N ARG A 147 -22.10 7.88 12.04
CA ARG A 147 -22.84 6.82 12.71
C ARG A 147 -21.98 6.11 13.76
N ASP A 148 -20.74 5.80 13.42
CA ASP A 148 -19.93 4.94 14.27
C ASP A 148 -18.90 5.67 15.12
N LEU A 149 -18.41 6.79 14.62
CA LEU A 149 -17.23 7.40 15.23
C LEU A 149 -17.44 8.80 15.74
N GLY A 150 -18.34 9.54 15.09
CA GLY A 150 -18.50 10.96 15.36
C GLY A 150 -17.52 11.78 14.54
N GLN A 151 -16.22 11.64 14.87
CA GLN A 151 -15.16 12.31 14.12
C GLN A 151 -13.96 11.38 14.05
N VAL A 152 -13.12 11.54 13.02
CA VAL A 152 -11.86 10.81 12.97
C VAL A 152 -10.68 11.71 13.35
N ASP A 153 -9.66 11.14 13.99
CA ASP A 153 -8.51 11.94 14.40
C ASP A 153 -7.27 11.63 13.54
N LEU A 154 -7.39 10.65 12.67
CA LEU A 154 -6.31 10.32 11.73
C LEU A 154 -6.90 9.87 10.42
N VAL A 155 -6.40 10.42 9.31
CA VAL A 155 -6.81 9.99 7.99
C VAL A 155 -5.56 9.57 7.23
N VAL A 156 -5.47 8.29 6.92
CA VAL A 156 -4.35 7.74 6.16
C VAL A 156 -4.79 7.59 4.72
N TYR A 157 -4.01 8.14 3.80
CA TYR A 157 -4.31 8.02 2.36
C TYR A 157 -3.29 7.10 1.69
N SER A 158 -3.76 5.94 1.23
CA SER A 158 -2.87 4.91 0.72
C SER A 158 -3.52 4.20 -0.47
N VAL A 159 -3.90 4.98 -1.47
CA VAL A 159 -4.55 4.46 -2.66
C VAL A 159 -3.50 4.32 -3.76
N ALA A 160 -3.45 3.15 -4.38
CA ALA A 160 -2.55 2.95 -5.51
C ALA A 160 -3.34 2.37 -6.66
N ALA A 161 -3.94 3.25 -7.44
CA ALA A 161 -4.78 2.84 -8.56
C ALA A 161 -4.10 3.28 -9.84
N PRO A 162 -4.22 2.47 -10.88
CA PRO A 162 -3.63 2.84 -12.17
C PRO A 162 -4.47 3.88 -12.92
N ARG A 163 -5.74 4.01 -12.56
CA ARG A 163 -6.64 4.94 -13.23
CA ARG A 163 -6.60 4.99 -13.21
C ARG A 163 -7.61 5.62 -12.25
N ARG A 164 -8.13 6.78 -12.65
CA ARG A 164 -9.08 7.51 -11.81
C ARG A 164 -10.14 8.13 -12.70
N THR A 165 -11.39 7.77 -12.44
CA THR A 165 -12.51 8.42 -13.10
C THR A 165 -12.81 9.68 -12.29
N HIS A 166 -12.65 10.85 -12.92
CA HIS A 166 -12.78 12.10 -12.20
C HIS A 166 -14.24 12.31 -11.81
N PRO A 167 -14.50 12.63 -10.54
CA PRO A 167 -15.86 12.74 -10.03
C PRO A 167 -16.62 13.93 -10.63
N LYS A 168 -15.90 14.96 -11.05
CA LYS A 168 -16.55 16.14 -11.61
C LYS A 168 -16.71 16.08 -13.12
N THR A 169 -15.62 15.75 -13.81
CA THR A 169 -15.63 15.79 -15.27
C THR A 169 -16.10 14.47 -15.90
N GLY A 170 -15.94 13.36 -15.17
CA GLY A 170 -16.24 12.05 -15.71
C GLY A 170 -15.11 11.49 -16.58
N VAL A 171 -14.03 12.25 -16.72
CA VAL A 171 -12.89 11.80 -17.50
C VAL A 171 -12.16 10.70 -16.73
N THR A 172 -11.83 9.60 -17.40
CA THR A 172 -10.98 8.59 -16.80
C THR A 172 -9.51 8.84 -17.12
N HIS A 173 -8.75 9.25 -16.10
CA HIS A 173 -7.33 9.52 -16.24
C HIS A 173 -6.52 8.25 -16.05
N GLN A 174 -5.49 8.07 -16.86
CA GLN A 174 -4.64 6.89 -16.76
C GLN A 174 -3.23 7.31 -16.33
N SER A 175 -2.69 6.63 -15.33
CA SER A 175 -1.34 6.92 -14.87
C SER A 175 -0.34 6.27 -15.81
N THR A 176 0.81 6.90 -16.03
CA THR A 176 1.85 6.32 -16.87
C THR A 176 3.19 6.46 -16.18
N LEU A 177 4.07 5.47 -16.35
CA LEU A 177 5.37 5.48 -15.72
C LEU A 177 6.40 5.72 -16.80
N LYS A 178 6.72 6.99 -17.06
CA LYS A 178 7.62 7.38 -18.13
C LYS A 178 8.61 8.45 -17.66
N PRO A 179 9.75 8.57 -18.34
CA PRO A 179 10.68 9.65 -17.97
C PRO A 179 10.16 10.97 -18.53
N ILE A 180 10.82 12.08 -18.19
CA ILE A 180 10.51 13.36 -18.78
C ILE A 180 11.74 13.98 -19.47
N GLY A 181 11.52 14.64 -20.61
CA GLY A 181 12.59 15.31 -21.33
C GLY A 181 13.30 14.43 -22.36
N HIS A 182 13.73 13.25 -21.94
CA HIS A 182 14.36 12.32 -22.88
C HIS A 182 13.99 10.87 -22.59
N ALA A 183 14.16 10.02 -23.60
CA ALA A 183 13.88 8.59 -23.44
C ALA A 183 14.88 7.97 -22.46
N VAL A 184 14.48 6.89 -21.81
CA VAL A 184 15.40 6.11 -21.00
C VAL A 184 15.30 4.63 -21.40
N ARG A 185 16.35 3.88 -21.09
CA ARG A 185 16.40 2.46 -21.41
C ARG A 185 16.73 1.74 -20.11
N LEU A 186 15.77 0.99 -19.61
CA LEU A 186 15.87 0.44 -18.25
C LEU A 186 15.97 -1.06 -18.21
N ARG A 187 16.98 -1.57 -17.50
CA ARG A 187 17.13 -3.00 -17.29
C ARG A 187 16.03 -3.51 -16.37
N GLY A 188 15.70 -4.80 -16.51
CA GLY A 188 14.65 -5.35 -15.69
C GLY A 188 14.51 -6.84 -15.86
N ILE A 189 13.61 -7.42 -15.10
CA ILE A 189 13.30 -8.84 -15.22
C ILE A 189 11.92 -9.02 -15.82
N ASP A 190 11.88 -9.80 -16.89
CA ASP A 190 10.62 -10.34 -17.39
C ASP A 190 10.26 -11.51 -16.46
N THR A 191 9.34 -11.28 -15.52
CA THR A 191 9.02 -12.28 -14.50
C THR A 191 8.27 -13.48 -15.08
N ASP A 192 7.68 -13.28 -16.25
CA ASP A 192 6.94 -14.32 -16.92
C ASP A 192 7.93 -15.32 -17.51
N ASN A 193 8.80 -14.81 -18.37
CA ASN A 193 9.82 -15.62 -19.04
C ASN A 193 11.06 -15.84 -18.16
N GLU A 194 11.09 -15.16 -17.01
CA GLU A 194 12.20 -15.21 -16.06
C GLU A 194 13.55 -14.97 -16.73
N ALA A 195 13.68 -13.79 -17.33
CA ALA A 195 14.88 -13.43 -18.06
C ALA A 195 15.12 -11.93 -17.95
N ILE A 196 16.35 -11.50 -18.24
CA ILE A 196 16.66 -10.07 -18.21
C ILE A 196 16.14 -9.43 -19.48
N LYS A 197 15.58 -8.23 -19.37
CA LYS A 197 15.16 -7.50 -20.56
C LYS A 197 15.47 -6.02 -20.41
N GLU A 198 15.43 -5.30 -21.51
CA GLU A 198 15.50 -3.85 -21.46
C GLU A 198 14.21 -3.25 -22.01
N THR A 199 13.76 -2.19 -21.38
CA THR A 199 12.54 -1.53 -21.81
C THR A 199 12.91 -0.11 -22.20
N LEU A 200 12.62 0.24 -23.44
CA LEU A 200 12.81 1.61 -23.92
C LEU A 200 11.55 2.40 -23.62
N LEU A 201 11.70 3.46 -22.82
CA LEU A 201 10.56 4.32 -22.49
C LEU A 201 10.75 5.72 -23.03
N GLN A 202 9.83 6.16 -23.88
CA GLN A 202 9.86 7.50 -24.45
C GLN A 202 9.44 8.54 -23.40
N PRO A 203 9.87 9.81 -23.58
CA PRO A 203 9.47 10.83 -22.60
C PRO A 203 7.96 11.04 -22.61
N ALA A 204 7.39 11.32 -21.44
CA ALA A 204 5.95 11.48 -21.30
C ALA A 204 5.48 12.73 -22.04
N THR A 205 4.29 12.68 -22.61
CA THR A 205 3.69 13.85 -23.24
C THR A 205 3.06 14.71 -22.14
N PRO A 206 2.77 16.00 -22.43
CA PRO A 206 2.10 16.83 -21.42
C PRO A 206 0.77 16.24 -20.95
N ASP A 207 0.02 15.60 -21.84
CA ASP A 207 -1.22 14.94 -21.44
C ASP A 207 -0.96 13.79 -20.49
N GLU A 208 0.05 12.97 -20.77
CA GLU A 208 0.40 11.85 -19.91
C GLU A 208 0.83 12.33 -18.53
N ILE A 209 1.57 13.43 -18.50
CA ILE A 209 1.98 14.00 -17.23
C ILE A 209 0.75 14.46 -16.46
N ALA A 210 -0.12 15.21 -17.13
CA ALA A 210 -1.33 15.71 -16.47
C ALA A 210 -2.19 14.58 -15.93
N ASP A 211 -2.39 13.54 -16.73
CA ASP A 211 -3.18 12.38 -16.29
C ASP A 211 -2.55 11.64 -15.13
N THR A 212 -1.23 11.52 -15.14
CA THR A 212 -0.52 10.86 -14.06
C THR A 212 -0.67 11.64 -12.76
N VAL A 213 -0.59 12.96 -12.86
CA VAL A 213 -0.82 13.83 -11.70
C VAL A 213 -2.27 13.67 -11.19
N ALA A 214 -3.21 13.61 -12.13
CA ALA A 214 -4.62 13.45 -11.76
C ALA A 214 -4.87 12.17 -10.96
N VAL A 215 -4.17 11.09 -11.33
CA VAL A 215 -4.37 9.80 -10.68
C VAL A 215 -3.58 9.68 -9.39
N MET A 216 -2.29 10.01 -9.45
CA MET A 216 -1.38 9.74 -8.34
CA MET A 216 -1.37 9.75 -8.35
C MET A 216 -0.99 10.98 -7.53
N GLY A 217 -1.42 12.16 -7.96
CA GLY A 217 -1.14 13.35 -7.20
C GLY A 217 -2.09 13.51 -6.03
N GLY A 218 -2.23 14.74 -5.54
CA GLY A 218 -2.93 14.98 -4.28
C GLY A 218 -4.38 15.41 -4.35
N GLU A 219 -4.97 15.51 -5.55
CA GLU A 219 -6.31 16.11 -5.64
C GLU A 219 -7.36 15.31 -4.86
N ASP A 220 -7.35 13.99 -5.02
CA ASP A 220 -8.37 13.19 -4.31
C ASP A 220 -8.18 13.26 -2.79
N TRP A 221 -6.93 13.21 -2.34
CA TRP A 221 -6.60 13.35 -0.94
C TRP A 221 -7.17 14.67 -0.39
N ARG A 222 -6.91 15.76 -1.11
CA ARG A 222 -7.49 17.05 -0.73
C ARG A 222 -9.02 17.04 -0.72
N MET A 223 -9.61 16.41 -1.74
CA MET A 223 -11.06 16.33 -1.79
C MET A 223 -11.63 15.57 -0.59
N TRP A 224 -10.97 14.49 -0.20
CA TRP A 224 -11.32 13.77 1.02
C TRP A 224 -11.26 14.68 2.24
N ILE A 225 -10.14 15.37 2.45
CA ILE A 225 -10.00 16.20 3.63
C ILE A 225 -11.03 17.33 3.64
N ASP A 226 -11.23 17.96 2.48
CA ASP A 226 -12.20 19.05 2.37
C ASP A 226 -13.60 18.57 2.71
N ALA A 227 -13.96 17.39 2.21
CA ALA A 227 -15.30 16.86 2.43
C ALA A 227 -15.52 16.41 3.88
N LEU A 228 -14.52 15.76 4.45
CA LEU A 228 -14.59 15.34 5.85
C LEU A 228 -14.76 16.58 6.74
N ASP A 229 -13.95 17.59 6.50
CA ASP A 229 -14.00 18.80 7.30
C ASP A 229 -15.34 19.53 7.15
N ALA A 230 -15.84 19.61 5.93
CA ALA A 230 -17.10 20.30 5.66
C ALA A 230 -18.27 19.63 6.37
N ALA A 231 -18.21 18.31 6.43
CA ALA A 231 -19.28 17.52 7.05
C ALA A 231 -19.15 17.52 8.57
N GLY A 232 -18.05 18.08 9.07
CA GLY A 232 -17.81 18.20 10.49
C GLY A 232 -17.36 16.92 11.17
N VAL A 233 -16.73 16.02 10.41
CA VAL A 233 -16.29 14.72 10.95
C VAL A 233 -14.77 14.60 11.05
N LEU A 234 -14.06 15.71 10.92
CA LEU A 234 -12.63 15.74 11.18
C LEU A 234 -12.41 16.39 12.54
N ALA A 235 -11.85 15.64 13.48
CA ALA A 235 -11.63 16.17 14.82
C ALA A 235 -10.61 17.31 14.86
N ASP A 236 -10.79 18.26 15.76
CA ASP A 236 -9.75 19.25 16.01
C ASP A 236 -8.48 18.49 16.39
N GLY A 237 -7.36 18.88 15.80
CA GLY A 237 -6.10 18.23 16.10
C GLY A 237 -5.80 17.02 15.23
N ALA A 238 -6.69 16.74 14.28
CA ALA A 238 -6.55 15.56 13.44
C ALA A 238 -5.24 15.60 12.63
N LYS A 239 -4.71 14.42 12.34
CA LYS A 239 -3.56 14.33 11.45
C LYS A 239 -4.01 13.64 10.18
N THR A 240 -3.36 13.97 9.07
CA THR A 240 -3.54 13.16 7.86
C THR A 240 -2.18 12.87 7.21
N THR A 241 -2.01 11.67 6.67
CA THR A 241 -0.77 11.39 5.94
C THR A 241 -1.07 10.60 4.67
N ALA A 242 -0.30 10.89 3.62
CA ALA A 242 -0.41 10.10 2.39
C ALA A 242 0.89 9.38 2.19
N PHE A 243 0.83 8.11 1.80
CA PHE A 243 2.03 7.28 1.67
C PHE A 243 2.59 7.38 0.26
N THR A 244 3.91 7.33 0.14
CA THR A 244 4.52 7.32 -1.18
C THR A 244 5.90 6.66 -1.12
N TYR A 245 6.53 6.58 -2.27
CA TYR A 245 7.87 6.00 -2.40
C TYR A 245 8.76 6.99 -3.15
N LEU A 246 9.97 7.22 -2.66
CA LEU A 246 10.91 8.06 -3.42
C LEU A 246 12.09 7.27 -3.97
N GLY A 247 12.59 6.31 -3.18
CA GLY A 247 13.75 5.54 -3.60
C GLY A 247 15.00 6.40 -3.73
N GLU A 248 15.94 5.91 -4.53
CA GLU A 248 17.24 6.56 -4.66
C GLU A 248 17.67 6.56 -6.11
N GLN A 249 18.97 6.58 -6.35
CA GLN A 249 19.49 6.83 -7.69
C GLN A 249 19.09 5.80 -8.73
N VAL A 250 19.07 4.53 -8.36
CA VAL A 250 18.81 3.47 -9.33
C VAL A 250 17.54 3.70 -10.12
N THR A 251 16.47 4.15 -9.46
CA THR A 251 15.17 4.27 -10.09
C THR A 251 14.71 5.74 -10.32
N HIS A 252 15.62 6.68 -10.15
CA HIS A 252 15.20 8.10 -10.11
C HIS A 252 14.63 8.65 -11.42
N ASP A 253 15.03 8.11 -12.58
CA ASP A 253 14.53 8.61 -13.87
C ASP A 253 13.01 8.47 -13.98
N ILE A 254 12.47 7.46 -13.31
CA ILE A 254 11.05 7.18 -13.37
C ILE A 254 10.37 7.65 -12.10
N TYR A 255 10.90 7.22 -10.96
CA TYR A 255 10.16 7.39 -9.72
C TYR A 255 10.39 8.73 -9.04
N TRP A 256 11.32 9.53 -9.58
CA TRP A 256 11.54 10.88 -9.07
C TRP A 256 11.47 12.02 -10.11
N ASN A 257 12.07 11.83 -11.29
CA ASN A 257 12.06 12.87 -12.32
C ASN A 257 11.04 12.69 -13.45
N GLY A 258 10.40 11.53 -13.51
CA GLY A 258 9.47 11.26 -14.61
C GLY A 258 8.05 11.69 -14.31
N SER A 259 7.09 11.14 -15.04
CA SER A 259 5.69 11.53 -14.84
C SER A 259 5.24 11.26 -13.41
N ILE A 260 5.65 10.12 -12.86
CA ILE A 260 5.33 9.81 -11.47
C ILE A 260 5.91 10.83 -10.50
N GLY A 261 7.14 11.29 -10.76
CA GLY A 261 7.73 12.35 -9.98
C GLY A 261 6.89 13.61 -9.94
N GLU A 262 6.25 13.96 -11.04
CA GLU A 262 5.36 15.13 -11.06
C GLU A 262 4.15 14.96 -10.15
N ALA A 263 3.61 13.76 -10.09
CA ALA A 263 2.53 13.44 -9.17
C ALA A 263 3.01 13.57 -7.73
N LYS A 264 4.22 13.14 -7.44
CA LYS A 264 4.76 13.24 -6.08
C LYS A 264 5.02 14.70 -5.70
N LYS A 265 5.44 15.50 -6.66
CA LYS A 265 5.61 16.92 -6.40
C LYS A 265 4.25 17.54 -6.07
N ASP A 266 3.20 17.04 -6.70
CA ASP A 266 1.86 17.55 -6.40
C ASP A 266 1.44 17.18 -4.98
N LEU A 267 1.82 15.99 -4.53
CA LEU A 267 1.56 15.58 -3.14
C LEU A 267 2.23 16.53 -2.18
N ASP A 268 3.48 16.88 -2.46
CA ASP A 268 4.21 17.80 -1.58
C ASP A 268 3.52 19.17 -1.51
N ARG A 269 3.00 19.64 -2.64
CA ARG A 269 2.35 20.95 -2.66
C ARG A 269 1.00 20.88 -1.96
N THR A 270 0.33 19.75 -2.14
CA THR A 270 -0.99 19.53 -1.57
C THR A 270 -0.92 19.52 -0.05
N VAL A 271 0.10 18.85 0.49
CA VAL A 271 0.21 18.67 1.93
C VAL A 271 0.46 20.02 2.66
N LEU A 272 1.14 20.95 2.00
CA LEU A 272 1.38 22.26 2.61
C LEU A 272 0.05 22.99 2.91
N ALA A 273 -0.90 22.91 1.97
CA ALA A 273 -2.22 23.48 2.15
C ALA A 273 -3.03 22.70 3.19
N LEU A 274 -2.94 21.39 3.12
CA LEU A 274 -3.62 20.55 4.10
C LEU A 274 -3.11 20.83 5.51
N ARG A 275 -1.81 21.06 5.64
CA ARG A 275 -1.21 21.31 6.95
C ARG A 275 -1.70 22.65 7.48
N GLY A 276 -1.76 23.65 6.60
CA GLY A 276 -2.26 24.95 6.98
C GLY A 276 -3.70 24.88 7.45
N LYS A 277 -4.49 24.05 6.78
CA LYS A 277 -5.89 23.86 7.14
C LYS A 277 -6.02 23.25 8.54
N LEU A 278 -5.22 22.23 8.81
CA LEU A 278 -5.32 21.49 10.07
C LEU A 278 -4.55 22.10 11.25
N ALA A 279 -3.52 22.89 10.96
CA ALA A 279 -2.66 23.44 12.00
C ALA A 279 -3.42 24.41 12.91
N ALA A 280 -4.46 25.02 12.37
CA ALA A 280 -5.28 25.97 13.13
C ALA A 280 -5.77 25.35 14.44
N ARG A 281 -6.24 24.11 14.37
CA ARG A 281 -6.75 23.42 15.55
C ARG A 281 -5.71 22.46 16.13
N GLY A 282 -4.45 22.67 15.76
CA GLY A 282 -3.37 21.88 16.33
C GLY A 282 -3.13 20.53 15.66
N GLY A 283 -3.68 20.35 14.47
CA GLY A 283 -3.43 19.13 13.71
C GLY A 283 -2.24 19.25 12.76
N ASP A 284 -2.07 18.27 11.88
CA ASP A 284 -0.90 18.28 11.00
C ASP A 284 -1.17 17.44 9.76
N ALA A 285 -0.40 17.66 8.70
CA ALA A 285 -0.48 16.81 7.51
C ALA A 285 0.95 16.58 7.00
N ARG A 286 1.23 15.33 6.61
CA ARG A 286 2.56 14.97 6.14
C ARG A 286 2.45 13.95 5.01
N VAL A 287 3.37 14.03 4.07
CA VAL A 287 3.64 12.91 3.19
C VAL A 287 4.59 11.99 3.94
N SER A 288 4.28 10.69 3.97
CA SER A 288 5.20 9.73 4.59
C SER A 288 5.84 8.88 3.49
N VAL A 289 7.16 8.80 3.51
CA VAL A 289 7.88 8.05 2.48
C VAL A 289 8.32 6.68 3.03
N LEU A 290 7.93 5.62 2.31
CA LEU A 290 8.18 4.25 2.75
C LEU A 290 9.15 3.55 1.78
N LYS A 291 9.64 2.37 2.17
CA LYS A 291 10.59 1.62 1.34
C LYS A 291 9.89 0.87 0.20
N ALA A 292 10.70 0.39 -0.74
CA ALA A 292 10.23 -0.46 -1.84
C ALA A 292 9.84 -1.85 -1.30
N VAL A 293 8.63 -2.30 -1.66
CA VAL A 293 8.18 -3.67 -1.36
C VAL A 293 7.53 -4.26 -2.59
N VAL A 294 7.34 -5.57 -2.60
CA VAL A 294 6.58 -6.19 -3.66
C VAL A 294 5.11 -5.81 -3.51
N THR A 295 4.48 -5.42 -4.61
CA THR A 295 3.03 -5.19 -4.65
C THR A 295 2.41 -5.98 -5.79
N GLN A 296 1.09 -5.94 -5.90
CA GLN A 296 0.40 -6.71 -6.94
C GLN A 296 0.76 -6.24 -8.34
N ALA A 297 1.18 -4.99 -8.46
CA ALA A 297 1.49 -4.40 -9.75
C ALA A 297 2.99 -4.44 -10.08
N SER A 298 3.79 -4.91 -9.14
CA SER A 298 5.25 -4.87 -9.22
C SER A 298 5.81 -5.52 -10.47
N SER A 299 5.22 -6.64 -10.88
CA SER A 299 5.81 -7.43 -11.96
C SER A 299 5.65 -6.78 -13.32
N ALA A 300 4.73 -5.84 -13.40
CA ALA A 300 4.40 -5.18 -14.67
C ALA A 300 5.10 -3.85 -14.83
N ILE A 301 5.58 -3.27 -13.74
CA ILE A 301 6.14 -1.90 -13.77
C ILE A 301 7.65 -1.87 -13.99
N PRO A 302 8.16 -0.75 -14.54
CA PRO A 302 9.58 -0.59 -14.87
C PRO A 302 10.54 -0.79 -13.69
N MET A 303 11.63 -1.51 -13.95
CA MET A 303 12.74 -1.67 -13.02
C MET A 303 12.46 -2.50 -11.77
N MET A 304 11.24 -2.51 -11.27
CA MET A 304 11.02 -2.97 -9.89
C MET A 304 11.35 -4.42 -9.54
N PRO A 305 10.96 -5.39 -10.39
CA PRO A 305 11.35 -6.74 -10.00
C PRO A 305 12.88 -6.90 -9.92
N LEU A 306 13.63 -6.27 -10.82
CA LEU A 306 15.10 -6.33 -10.73
C LEU A 306 15.61 -5.57 -9.50
N TYR A 307 15.13 -4.35 -9.32
CA TYR A 307 15.54 -3.56 -8.17
C TYR A 307 15.19 -4.26 -6.87
N LEU A 308 13.95 -4.74 -6.75
CA LEU A 308 13.56 -5.47 -5.54
C LEU A 308 14.40 -6.73 -5.30
N SER A 309 14.64 -7.51 -6.37
CA SER A 309 15.42 -8.74 -6.22
C SER A 309 16.82 -8.45 -5.70
N LEU A 310 17.43 -7.39 -6.19
CA LEU A 310 18.75 -6.97 -5.72
C LEU A 310 18.70 -6.38 -4.31
N LEU A 311 17.73 -5.51 -4.06
CA LEU A 311 17.60 -4.86 -2.77
C LEU A 311 17.38 -5.89 -1.67
N PHE A 312 16.48 -6.86 -1.93
CA PHE A 312 16.23 -7.93 -0.97
C PHE A 312 17.52 -8.70 -0.68
N LYS A 313 18.24 -9.08 -1.72
CA LYS A 313 19.51 -9.80 -1.50
C LYS A 313 20.44 -9.02 -0.57
N VAL A 314 20.59 -7.74 -0.86
CA VAL A 314 21.57 -6.93 -0.13
C VAL A 314 21.15 -6.64 1.31
N MET A 315 19.89 -6.28 1.52
CA MET A 315 19.40 -5.98 2.85
C MET A 315 19.29 -7.24 3.73
N LYS A 316 18.88 -8.36 3.16
CA LYS A 316 18.84 -9.60 3.93
C LYS A 316 20.24 -9.93 4.45
N ALA A 317 21.24 -9.68 3.62
CA ALA A 317 22.62 -9.94 4.03
C ALA A 317 23.03 -9.05 5.19
N ARG A 318 22.43 -7.86 5.28
CA ARG A 318 22.74 -6.93 6.37
C ARG A 318 21.80 -7.09 7.56
N GLY A 319 20.78 -7.94 7.43
CA GLY A 319 19.81 -8.15 8.47
C GLY A 319 18.77 -7.05 8.60
N THR A 320 18.60 -6.26 7.53
CA THR A 320 17.69 -5.12 7.61
C THR A 320 16.47 -5.21 6.70
N HIS A 321 16.30 -6.35 6.05
CA HIS A 321 15.15 -6.55 5.18
C HIS A 321 13.85 -6.50 5.99
N GLU A 322 12.83 -5.86 5.45
CA GLU A 322 11.51 -5.88 6.09
C GLU A 322 10.45 -5.47 5.10
N GLY A 323 9.18 -5.61 5.50
CA GLY A 323 8.08 -5.33 4.60
C GLY A 323 7.14 -4.28 5.16
N CYS A 324 5.88 -4.35 4.73
CA CYS A 324 4.91 -3.32 5.06
C CYS A 324 4.69 -3.10 6.55
N ILE A 325 4.39 -4.16 7.30
CA ILE A 325 4.02 -3.95 8.70
C ILE A 325 5.18 -3.37 9.52
N GLU A 326 6.41 -3.79 9.25
CA GLU A 326 7.54 -3.26 9.99
C GLU A 326 7.69 -1.77 9.70
N GLN A 327 7.54 -1.42 8.44
CA GLN A 327 7.69 -0.06 7.99
C GLN A 327 6.66 0.86 8.63
N VAL A 328 5.42 0.41 8.62
CA VAL A 328 4.33 1.28 9.08
C VAL A 328 4.27 1.37 10.60
N ASP A 329 4.52 0.26 11.27
CA ASP A 329 4.59 0.25 12.73
C ASP A 329 5.68 1.24 13.17
N GLY A 330 6.84 1.20 12.54
CA GLY A 330 7.90 2.14 12.85
C GLY A 330 7.51 3.58 12.54
N LEU A 331 6.88 3.78 11.38
CA LEU A 331 6.45 5.12 11.00
C LEU A 331 5.52 5.71 12.07
N LEU A 332 4.58 4.89 12.53
CA LEU A 332 3.61 5.37 13.52
C LEU A 332 4.29 5.66 14.86
N ARG A 333 5.12 4.73 15.34
CA ARG A 333 5.80 4.90 16.63
C ARG A 333 6.89 5.99 16.61
N ASP A 334 7.70 5.99 15.55
CA ASP A 334 8.90 6.83 15.53
C ASP A 334 8.59 8.23 15.04
N SER A 335 7.61 8.38 14.16
CA SER A 335 7.48 9.66 13.46
C SER A 335 6.12 10.33 13.49
N LEU A 336 5.07 9.60 13.13
CA LEU A 336 3.74 10.21 13.10
C LEU A 336 3.28 10.52 14.54
N TYR A 337 3.60 9.62 15.48
CA TYR A 337 3.29 9.81 16.89
C TYR A 337 4.51 9.67 17.81
N GLY A 338 5.67 10.03 17.30
CA GLY A 338 6.90 9.97 18.08
C GLY A 338 7.43 11.37 18.31
N ALA A 339 8.27 11.52 19.33
CA ALA A 339 8.76 12.83 19.72
C ALA A 339 10.05 13.20 18.96
N GLN A 340 10.71 12.22 18.37
CA GLN A 340 11.82 12.50 17.48
C GLN A 340 11.62 11.84 16.11
N PRO A 341 10.77 12.45 15.27
CA PRO A 341 10.42 11.94 13.94
C PRO A 341 11.56 12.08 12.93
N HIS A 342 11.64 11.15 11.99
CA HIS A 342 12.61 11.24 10.90
C HIS A 342 11.99 12.15 9.83
N VAL A 343 12.55 13.34 9.64
CA VAL A 343 11.99 14.31 8.70
C VAL A 343 13.01 14.75 7.64
N ASP A 344 12.55 14.98 6.41
CA ASP A 344 13.48 15.45 5.38
C ASP A 344 13.35 16.96 5.14
N ALA A 345 14.04 17.47 4.10
CA ALA A 345 14.09 18.89 3.83
C ALA A 345 12.76 19.47 3.37
N GLU A 346 11.93 18.63 2.76
CA GLU A 346 10.63 19.06 2.26
C GLU A 346 9.59 18.94 3.38
N GLY A 347 9.97 18.32 4.49
CA GLY A 347 9.06 18.14 5.60
C GLY A 347 8.30 16.81 5.50
N ARG A 348 8.83 15.86 4.75
CA ARG A 348 8.18 14.56 4.71
C ARG A 348 8.66 13.70 5.87
N LEU A 349 7.81 12.79 6.33
CA LEU A 349 8.24 11.81 7.31
C LEU A 349 8.91 10.68 6.55
N ARG A 350 10.01 10.17 7.10
CA ARG A 350 10.76 9.12 6.41
C ARG A 350 10.82 7.82 7.20
N ALA A 351 10.44 6.72 6.57
CA ALA A 351 10.59 5.41 7.18
C ALA A 351 11.58 4.56 6.39
N ASP A 352 12.15 5.15 5.35
CA ASP A 352 12.90 4.40 4.36
C ASP A 352 14.42 4.42 4.55
N ARG A 353 14.89 4.84 5.72
CA ARG A 353 16.33 5.00 5.95
C ARG A 353 17.14 3.73 5.66
N LEU A 354 16.61 2.56 6.03
CA LEU A 354 17.34 1.32 5.85
C LEU A 354 17.60 1.02 4.37
N GLU A 355 16.65 1.36 3.50
CA GLU A 355 16.84 1.22 2.06
C GLU A 355 17.89 2.20 1.53
N LEU A 356 17.95 3.37 2.14
CA LEU A 356 18.82 4.43 1.67
C LEU A 356 20.22 4.31 2.27
N ASP A 357 20.46 3.28 3.06
CA ASP A 357 21.78 3.03 3.62
C ASP A 357 22.79 3.06 2.47
N PRO A 358 23.88 3.81 2.63
CA PRO A 358 24.80 4.03 1.51
C PRO A 358 25.49 2.75 1.02
N ALA A 359 25.84 1.84 1.92
CA ALA A 359 26.48 0.59 1.49
C ALA A 359 25.46 -0.28 0.74
N VAL A 360 24.19 -0.19 1.13
CA VAL A 360 23.14 -0.93 0.43
C VAL A 360 22.98 -0.43 -1.00
N GLN A 361 22.87 0.88 -1.17
CA GLN A 361 22.68 1.48 -2.48
C GLN A 361 23.88 1.23 -3.39
N ALA A 362 25.08 1.30 -2.81
CA ALA A 362 26.31 1.05 -3.55
C ALA A 362 26.33 -0.38 -4.09
N ARG A 363 25.92 -1.33 -3.27
CA ARG A 363 25.97 -2.75 -3.67
C ARG A 363 24.94 -3.03 -4.77
N VAL A 364 23.72 -2.52 -4.61
CA VAL A 364 22.70 -2.68 -5.65
C VAL A 364 23.17 -2.08 -6.97
N LEU A 365 23.74 -0.89 -6.89
CA LEU A 365 24.24 -0.20 -8.08
C LEU A 365 25.34 -1.01 -8.78
N GLU A 366 26.27 -1.53 -7.98
CA GLU A 366 27.38 -2.32 -8.50
C GLU A 366 26.89 -3.57 -9.23
N LEU A 367 25.86 -4.20 -8.68
CA LEU A 367 25.36 -5.47 -9.23
C LEU A 367 24.43 -5.25 -10.41
N TRP A 368 23.84 -4.05 -10.50
CA TRP A 368 22.78 -3.77 -11.47
C TRP A 368 23.06 -4.26 -12.90
N ASP A 369 24.22 -3.92 -13.45
CA ASP A 369 24.50 -4.33 -14.82
C ASP A 369 25.16 -5.70 -14.92
N GLN A 370 25.29 -6.38 -13.78
CA GLN A 370 25.94 -7.69 -13.77
C GLN A 370 24.94 -8.83 -13.86
N VAL A 371 23.66 -8.55 -13.67
CA VAL A 371 22.64 -9.61 -13.71
C VAL A 371 22.39 -10.07 -15.15
N THR A 372 22.34 -11.39 -15.35
CA THR A 372 22.12 -11.98 -16.67
C THR A 372 21.01 -13.03 -16.57
N ASP A 373 20.60 -13.58 -17.71
CA ASP A 373 19.65 -14.69 -17.68
C ASP A 373 20.21 -15.84 -16.84
N ASP A 374 21.49 -16.10 -17.01
CA ASP A 374 22.12 -17.23 -16.34
C ASP A 374 22.21 -17.09 -14.81
N ASN A 375 22.47 -15.89 -14.33
CA ASN A 375 22.76 -15.70 -12.90
C ASN A 375 21.61 -15.06 -12.11
N LEU A 376 20.45 -14.92 -12.76
CA LEU A 376 19.29 -14.28 -12.16
C LEU A 376 18.99 -14.76 -10.74
N TYR A 377 19.04 -16.08 -10.53
CA TYR A 377 18.65 -16.64 -9.24
C TYR A 377 19.78 -16.62 -8.22
N THR A 378 21.01 -16.48 -8.68
CA THR A 378 22.15 -16.58 -7.76
C THR A 378 22.73 -15.22 -7.42
N LEU A 379 22.66 -14.30 -8.37
CA LEU A 379 23.18 -12.96 -8.16
C LEU A 379 22.13 -12.04 -7.55
N THR A 380 20.86 -12.44 -7.59
CA THR A 380 19.79 -11.66 -6.98
C THR A 380 18.91 -12.57 -6.11
N ASP A 381 18.04 -11.96 -5.32
CA ASP A 381 17.10 -12.73 -4.54
C ASP A 381 15.76 -12.79 -5.27
N PHE A 382 15.82 -13.19 -6.54
CA PHE A 382 14.60 -13.29 -7.35
C PHE A 382 13.64 -14.33 -6.76
N ALA A 383 14.19 -15.35 -6.10
CA ALA A 383 13.34 -16.33 -5.41
C ALA A 383 12.53 -15.64 -4.33
N GLY A 384 13.19 -14.75 -3.60
CA GLY A 384 12.53 -13.98 -2.56
C GLY A 384 11.49 -13.03 -3.12
N TYR A 385 11.79 -12.42 -4.26
CA TYR A 385 10.80 -11.59 -4.92
C TYR A 385 9.55 -12.44 -5.24
N LYS A 386 9.76 -13.59 -5.85
CA LYS A 386 8.62 -14.42 -6.22
C LYS A 386 7.85 -14.91 -4.99
N ALA A 387 8.56 -15.23 -3.92
CA ALA A 387 7.88 -15.70 -2.71
C ALA A 387 7.06 -14.57 -2.10
N GLU A 388 7.61 -13.37 -2.08
CA GLU A 388 6.86 -12.23 -1.52
C GLU A 388 5.69 -11.84 -2.41
N PHE A 389 5.84 -12.01 -3.72
CA PHE A 389 4.71 -11.80 -4.62
C PHE A 389 3.56 -12.75 -4.27
N LEU A 390 3.87 -14.03 -4.12
CA LEU A 390 2.83 -15.02 -3.77
C LEU A 390 2.20 -14.81 -2.39
N ARG A 391 2.98 -14.31 -1.43
CA ARG A 391 2.45 -13.98 -0.10
C ARG A 391 1.30 -12.99 -0.20
N LEU A 392 1.33 -12.09 -1.16
CA LEU A 392 0.27 -11.10 -1.32
C LEU A 392 -1.10 -11.77 -1.53
N PHE A 393 -1.08 -12.96 -2.10
CA PHE A 393 -2.28 -13.68 -2.45
C PHE A 393 -2.55 -14.84 -1.51
N GLY A 394 -1.80 -14.88 -0.41
CA GLY A 394 -2.03 -15.85 0.65
C GLY A 394 -1.27 -17.16 0.50
N PHE A 395 -0.25 -17.18 -0.35
CA PHE A 395 0.49 -18.41 -0.60
C PHE A 395 1.83 -18.42 0.13
N GLY A 396 2.30 -19.60 0.50
CA GLY A 396 3.59 -19.73 1.18
C GLY A 396 3.65 -19.20 2.60
N ILE A 397 2.51 -19.09 3.29
CA ILE A 397 2.51 -18.56 4.65
C ILE A 397 2.72 -19.68 5.66
N ASP A 398 3.54 -19.43 6.68
CA ASP A 398 3.81 -20.41 7.74
C ASP A 398 2.55 -20.88 8.43
N GLY A 399 2.46 -22.18 8.67
CA GLY A 399 1.38 -22.75 9.46
C GLY A 399 0.14 -23.12 8.66
N VAL A 400 0.10 -22.70 7.41
CA VAL A 400 -1.01 -23.03 6.53
C VAL A 400 -0.77 -24.34 5.78
N ASP A 401 -1.72 -25.26 5.86
CA ASP A 401 -1.63 -26.49 5.10
C ASP A 401 -2.25 -26.28 3.73
N TYR A 402 -1.41 -26.12 2.72
CA TYR A 402 -1.91 -25.83 1.38
C TYR A 402 -2.54 -27.05 0.69
N ASP A 403 -2.41 -28.22 1.30
CA ASP A 403 -3.09 -29.43 0.82
C ASP A 403 -4.53 -29.52 1.32
N ALA A 404 -4.89 -28.72 2.30
CA ALA A 404 -6.21 -28.82 2.91
C ALA A 404 -7.23 -27.95 2.18
N PRO A 405 -8.46 -28.46 2.02
CA PRO A 405 -9.52 -27.68 1.39
C PRO A 405 -9.86 -26.46 2.23
N VAL A 406 -10.19 -25.36 1.57
CA VAL A 406 -10.49 -24.11 2.27
C VAL A 406 -11.83 -23.54 1.73
N GLU A 407 -12.60 -22.87 2.58
CA GLU A 407 -13.86 -22.26 2.15
C GLU A 407 -13.64 -20.90 1.51
N PRO A 408 -14.10 -20.72 0.26
CA PRO A 408 -13.96 -19.45 -0.47
C PRO A 408 -14.97 -18.40 -0.03
N ASN A 409 -16.16 -18.81 0.39
CA ASN A 409 -17.21 -17.86 0.72
C ASN A 409 -17.03 -17.32 2.14
N VAL A 410 -16.31 -16.20 2.24
CA VAL A 410 -16.08 -15.54 3.52
C VAL A 410 -16.77 -14.18 3.51
N ARG A 411 -17.54 -13.91 4.56
CA ARG A 411 -18.33 -12.69 4.64
C ARG A 411 -17.62 -11.58 5.39
N ILE A 412 -17.99 -10.34 5.11
CA ILE A 412 -17.55 -9.22 5.90
C ILE A 412 -18.77 -8.54 6.47
N PRO A 413 -18.86 -8.48 7.82
CA PRO A 413 -20.04 -8.02 8.54
C PRO A 413 -20.32 -6.54 8.32
N ASN A 414 -21.54 -6.23 7.90
CA ASN A 414 -22.01 -4.84 7.81
C ASN A 414 -21.20 -4.00 6.82
N LEU A 415 -20.61 -4.64 5.83
CA LEU A 415 -19.85 -3.94 4.81
C LEU A 415 -20.78 -2.95 4.13
N ILE A 416 -20.27 -1.74 3.93
CA ILE A 416 -21.00 -0.68 3.26
C ILE A 416 -20.60 -0.65 1.79
N GLU A 417 -21.58 -0.63 0.89
CA GLU A 417 -21.29 -0.64 -0.54
C GLU A 417 -22.12 0.38 -1.32
#